data_3NL9
#
_entry.id   3NL9
#
_cell.length_a   52.088
_cell.length_b   69.043
_cell.length_c   50.208
_cell.angle_alpha   90.000
_cell.angle_beta   111.810
_cell.angle_gamma   90.000
#
_symmetry.space_group_name_H-M   'C 1 2 1'
#
loop_
_entity.id
_entity.type
_entity.pdbx_description
1 polymer 'putative NTP pyrophosphohydrolase'
2 non-polymer 1,2-ETHANEDIOL
3 water water
#
_entity_poly.entity_id   1
_entity_poly.type   'polypeptide(L)'
_entity_poly.pdbx_seq_one_letter_code
;G(MSE)KQPNYYQDVKQFHQTFHHPGADQPTAIPLDRGVKRATWTAEEAVVEFLHQSSQNETEFLAAIETFKAGLDQAVK
KSLKETYPVTEVERLVGQGDALTDALYFI(MSE)GSFVEAGLEPGPLFEIVQQAN(MSE)AKLGPDGQPIFRESDQKV
(MSE)KPDGWLPPEPQLEAEVVRQ(MSE)KEKA
;
_entity_poly.pdbx_strand_id   A
#
loop_
_chem_comp.id
_chem_comp.type
_chem_comp.name
_chem_comp.formula
EDO non-polymer 1,2-ETHANEDIOL 'C2 H6 O2'
#
# COMPACT_ATOMS: atom_id res chain seq x y z
N LYS A 3 -21.18 -1.19 -5.41
CA LYS A 3 -20.39 -2.35 -4.90
C LYS A 3 -18.89 -1.99 -4.77
N GLN A 4 -18.20 -1.82 -5.90
CA GLN A 4 -16.73 -1.60 -5.90
C GLN A 4 -16.36 -0.18 -5.42
N PRO A 5 -15.41 -0.06 -4.46
CA PRO A 5 -15.05 1.28 -4.00
C PRO A 5 -14.32 2.08 -5.09
N ASN A 6 -14.43 3.40 -5.07
CA ASN A 6 -13.56 4.23 -5.91
C ASN A 6 -12.24 4.42 -5.18
N TYR A 7 -11.37 3.43 -5.39
CA TYR A 7 -10.09 3.33 -4.71
C TYR A 7 -9.28 4.60 -4.80
N TYR A 8 -9.11 5.11 -6.02
CA TYR A 8 -8.25 6.27 -6.24
C TYR A 8 -8.84 7.53 -5.56
N GLN A 9 -10.14 7.75 -5.73
CA GLN A 9 -10.77 8.94 -5.12
C GLN A 9 -10.74 8.84 -3.59
N ASP A 10 -10.84 7.63 -3.05
CA ASP A 10 -10.82 7.43 -1.58
C ASP A 10 -9.43 7.75 -1.00
N VAL A 11 -8.36 7.26 -1.63
CA VAL A 11 -7.01 7.63 -1.18
C VAL A 11 -6.70 9.08 -1.45
N LYS A 12 -7.18 9.62 -2.57
CA LYS A 12 -7.00 11.04 -2.85
C LYS A 12 -7.61 11.87 -1.73
N GLN A 13 -8.80 11.47 -1.33
CA GLN A 13 -9.49 12.09 -0.19
C GLN A 13 -8.67 12.00 1.13
N PHE A 14 -8.17 10.81 1.44
CA PHE A 14 -7.31 10.61 2.61
C PHE A 14 -6.11 11.58 2.55
N HIS A 15 -5.46 11.65 1.38
CA HIS A 15 -4.34 12.59 1.23
C HIS A 15 -4.65 14.05 1.50
N GLN A 16 -5.77 14.55 0.96
CA GLN A 16 -6.20 15.95 1.20
C GLN A 16 -6.48 16.10 2.69
N THR A 17 -7.26 15.18 3.26
CA THR A 17 -7.76 15.36 4.63
C THR A 17 -6.56 15.42 5.66
N PHE A 18 -5.54 14.59 5.44
CA PHE A 18 -4.44 14.38 6.37
C PHE A 18 -3.13 15.00 5.90
N HIS A 19 -3.24 15.88 4.91
CA HIS A 19 -2.14 16.69 4.39
C HIS A 19 -0.98 15.84 3.86
N HIS A 20 -1.26 14.78 3.12
CA HIS A 20 -0.22 14.11 2.33
C HIS A 20 -0.18 14.74 0.95
N PRO A 21 0.96 14.57 0.25
CA PRO A 21 1.09 15.14 -1.09
C PRO A 21 0.07 14.62 -2.06
N GLY A 22 -0.35 15.51 -2.95
CA GLY A 22 -1.19 15.14 -4.07
C GLY A 22 -0.99 16.12 -5.21
N ALA A 23 -0.87 15.62 -6.43
CA ALA A 23 -0.77 16.47 -7.63
C ALA A 23 -2.10 16.56 -8.43
N ASP A 24 -2.47 17.79 -8.77
CA ASP A 24 -3.68 18.07 -9.58
C ASP A 24 -3.45 17.87 -11.07
N GLN A 25 -2.19 18.03 -11.48
CA GLN A 25 -1.72 17.70 -12.81
C GLN A 25 -0.74 16.52 -12.71
N PRO A 26 -0.78 15.60 -13.67
CA PRO A 26 0.22 14.53 -13.72
C PRO A 26 1.63 15.09 -13.55
N THR A 27 2.36 14.57 -12.55
CA THR A 27 3.69 15.06 -12.17
C THR A 27 4.57 13.88 -11.75
N ALA A 28 5.76 13.76 -12.32
CA ALA A 28 6.69 12.70 -11.89
C ALA A 28 6.96 12.81 -10.39
N ILE A 29 6.98 11.70 -9.69
CA ILE A 29 7.27 11.68 -8.25
C ILE A 29 8.80 11.84 -8.05
N PRO A 30 9.24 12.87 -7.29
CA PRO A 30 10.70 12.96 -6.99
C PRO A 30 11.30 11.70 -6.38
N LEU A 31 12.55 11.40 -6.72
CA LEU A 31 13.19 10.12 -6.34
C LEU A 31 13.17 9.89 -4.82
N ASP A 32 13.50 10.90 -4.02
CA ASP A 32 13.57 10.69 -2.57
C ASP A 32 12.21 10.37 -1.97
N ARG A 33 11.16 10.96 -2.53
CA ARG A 33 9.78 10.63 -2.18
C ARG A 33 9.37 9.24 -2.70
N GLY A 34 9.76 8.90 -3.93
CA GLY A 34 9.50 7.54 -4.44
C GLY A 34 10.12 6.43 -3.59
N VAL A 35 11.32 6.67 -3.07
CA VAL A 35 11.99 5.67 -2.22
C VAL A 35 11.12 5.36 -0.97
N LYS A 36 10.54 6.39 -0.40
CA LYS A 36 9.69 6.26 0.76
C LYS A 36 8.46 5.39 0.42
N ARG A 37 7.80 5.74 -0.68
CA ARG A 37 6.59 5.05 -1.10
C ARG A 37 6.86 3.62 -1.44
N ALA A 38 7.96 3.38 -2.16
CA ALA A 38 8.38 2.01 -2.47
C ALA A 38 8.59 1.18 -1.20
N THR A 39 9.26 1.80 -0.24
CA THR A 39 9.54 1.18 1.05
C THR A 39 8.25 0.85 1.81
N TRP A 40 7.32 1.80 1.94
CA TRP A 40 6.07 1.54 2.62
C TRP A 40 5.26 0.44 1.95
N THR A 41 5.28 0.44 0.61
CA THR A 41 4.49 -0.54 -0.17
C THR A 41 5.04 -1.93 0.10
N ALA A 42 6.37 -2.07 0.01
CA ALA A 42 7.03 -3.36 0.22
C ALA A 42 6.95 -3.81 1.68
N GLU A 43 6.91 -2.88 2.64
CA GLU A 43 6.75 -3.26 4.09
C GLU A 43 5.50 -4.12 4.24
N GLU A 44 4.46 -3.76 3.48
CA GLU A 44 3.22 -4.53 3.48
C GLU A 44 3.21 -5.68 2.48
N ALA A 45 3.48 -5.40 1.20
CA ALA A 45 3.34 -6.43 0.14
C ALA A 45 4.41 -7.52 0.26
N VAL A 46 5.56 -7.20 0.86
CA VAL A 46 6.64 -8.20 1.01
C VAL A 46 6.75 -8.67 2.47
N VAL A 47 7.11 -7.77 3.39
CA VAL A 47 7.52 -8.21 4.73
C VAL A 47 6.30 -8.72 5.53
N GLU A 48 5.27 -7.90 5.70
CA GLU A 48 4.10 -8.34 6.49
C GLU A 48 3.40 -9.51 5.83
N PHE A 49 3.24 -9.45 4.51
CA PHE A 49 2.62 -10.55 3.74
C PHE A 49 3.38 -11.88 3.93
N LEU A 50 4.71 -11.82 3.85
CA LEU A 50 5.53 -13.04 4.00
C LEU A 50 5.57 -13.57 5.44
N HIS A 51 5.58 -12.65 6.40
CA HIS A 51 5.59 -13.04 7.80
C HIS A 51 4.25 -13.72 8.10
N GLN A 52 3.16 -13.10 7.64
CA GLN A 52 1.81 -13.69 7.87
C GLN A 52 1.60 -14.93 7.04
N SER A 53 2.47 -15.20 6.07
CA SER A 53 2.41 -16.48 5.31
C SER A 53 3.25 -17.59 5.95
N SER A 54 4.05 -17.24 6.96
CA SER A 54 5.02 -18.16 7.57
C SER A 54 4.56 -18.75 8.90
N GLN A 55 5.04 -19.96 9.21
CA GLN A 55 4.68 -20.63 10.46
C GLN A 55 5.78 -20.57 11.51
N ASN A 56 6.99 -20.19 11.10
CA ASN A 56 8.12 -20.06 12.02
C ASN A 56 9.22 -19.21 11.42
N GLU A 57 10.23 -18.93 12.25
CA GLU A 57 11.35 -18.05 11.87
C GLU A 57 12.14 -18.66 10.70
N THR A 58 12.33 -19.97 10.72
CA THR A 58 13.10 -20.64 9.67
C THR A 58 12.46 -20.46 8.28
N GLU A 59 11.14 -20.71 8.19
CA GLU A 59 10.35 -20.47 6.96
C GLU A 59 10.49 -19.05 6.50
N PHE A 60 10.30 -18.15 7.45
CA PHE A 60 10.16 -16.76 7.14
C PHE A 60 11.47 -16.20 6.58
N LEU A 61 12.57 -16.53 7.26
CA LEU A 61 13.88 -16.11 6.83
C LEU A 61 14.24 -16.70 5.45
N ALA A 62 13.88 -17.97 5.19
CA ALA A 62 14.17 -18.57 3.88
C ALA A 62 13.40 -17.83 2.78
N ALA A 63 12.18 -17.39 3.09
CA ALA A 63 11.31 -16.70 2.13
C ALA A 63 11.88 -15.29 1.85
N ILE A 64 12.34 -14.62 2.92
CA ILE A 64 12.91 -13.29 2.79
C ILE A 64 14.19 -13.38 1.95
N GLU A 65 15.06 -14.35 2.22
CA GLU A 65 16.29 -14.49 1.41
C GLU A 65 16.01 -14.78 -0.06
N THR A 66 15.01 -15.61 -0.33
CA THR A 66 14.62 -15.90 -1.71
C THR A 66 14.12 -14.64 -2.41
N PHE A 67 13.33 -13.85 -1.67
CA PHE A 67 12.88 -12.53 -2.14
C PHE A 67 14.04 -11.64 -2.47
N LYS A 68 14.98 -11.53 -1.53
CA LYS A 68 16.16 -10.66 -1.73
C LYS A 68 16.97 -11.02 -2.95
N ALA A 69 17.04 -12.32 -3.25
CA ALA A 69 17.79 -12.79 -4.40
C ALA A 69 17.10 -12.37 -5.69
N GLY A 70 15.76 -12.45 -5.72
CA GLY A 70 14.97 -11.96 -6.86
C GLY A 70 15.04 -10.44 -7.01
N LEU A 71 15.01 -9.75 -5.90
CA LEU A 71 15.20 -8.30 -5.90
C LEU A 71 16.55 -7.96 -6.51
N ASP A 72 17.61 -8.62 -6.04
CA ASP A 72 18.96 -8.34 -6.56
C ASP A 72 19.08 -8.66 -8.06
N GLN A 73 18.46 -9.74 -8.51
CA GLN A 73 18.50 -10.05 -9.95
C GLN A 73 17.81 -8.94 -10.78
N ALA A 74 16.73 -8.36 -10.25
CA ALA A 74 15.95 -7.37 -10.96
C ALA A 74 16.73 -6.09 -11.05
N VAL A 75 17.39 -5.68 -9.96
CA VAL A 75 18.25 -4.51 -9.98
C VAL A 75 19.37 -4.69 -11.01
N LYS A 76 20.00 -5.88 -11.04
CA LYS A 76 21.11 -6.12 -11.97
C LYS A 76 20.62 -5.99 -13.42
N LYS A 77 19.44 -6.55 -13.72
CA LYS A 77 18.85 -6.38 -15.03
C LYS A 77 18.58 -4.90 -15.33
N SER A 78 17.99 -4.17 -14.37
CA SER A 78 17.65 -2.76 -14.60
C SER A 78 18.87 -1.83 -14.77
N LEU A 79 19.96 -2.19 -14.13
CA LEU A 79 21.21 -1.43 -14.23
C LEU A 79 21.72 -1.36 -15.68
N LYS A 80 21.30 -2.32 -16.51
CA LYS A 80 21.71 -2.39 -17.91
C LYS A 80 20.77 -1.63 -18.84
N GLU A 81 19.71 -1.03 -18.28
CA GLU A 81 18.70 -0.30 -19.07
C GLU A 81 18.95 1.19 -18.91
N THR A 82 18.82 1.94 -19.99
CA THR A 82 19.08 3.39 -20.02
C THR A 82 18.05 4.13 -19.15
N TYR A 83 18.44 5.24 -18.53
CA TYR A 83 17.58 5.94 -17.56
C TYR A 83 16.73 6.94 -18.31
N PRO A 84 15.55 7.28 -17.79
CA PRO A 84 14.80 8.39 -18.37
C PRO A 84 15.64 9.67 -18.49
N VAL A 85 15.42 10.44 -19.56
CA VAL A 85 16.15 11.70 -19.79
C VAL A 85 15.24 12.94 -19.70
N THR A 86 13.93 12.74 -19.54
CA THR A 86 13.00 13.86 -19.29
C THR A 86 12.05 13.56 -18.10
N GLU A 87 11.42 14.60 -17.57
CA GLU A 87 10.45 14.44 -16.50
C GLU A 87 9.21 13.66 -16.98
N VAL A 88 8.80 13.90 -18.23
CA VAL A 88 7.70 13.15 -18.77
C VAL A 88 8.05 11.67 -18.83
N GLU A 89 9.27 11.34 -19.29
CA GLU A 89 9.73 9.94 -19.27
C GLU A 89 9.68 9.30 -17.90
N ARG A 90 10.11 10.03 -16.88
N ARG A 90 10.14 10.03 -16.88
CA ARG A 90 10.03 9.51 -15.51
CA ARG A 90 10.02 9.55 -15.50
C ARG A 90 8.57 9.25 -15.09
C ARG A 90 8.57 9.23 -15.15
N LEU A 91 7.66 10.17 -15.43
CA LEU A 91 6.23 9.99 -15.07
C LEU A 91 5.63 8.76 -15.77
N VAL A 92 5.95 8.63 -17.04
CA VAL A 92 5.43 7.54 -17.83
C VAL A 92 5.91 6.21 -17.27
N GLY A 93 7.19 6.11 -16.95
CA GLY A 93 7.75 4.87 -16.40
C GLY A 93 7.24 4.51 -15.02
N GLN A 94 7.00 5.53 -14.19
CA GLN A 94 6.38 5.34 -12.89
C GLN A 94 4.95 4.80 -13.03
N GLY A 95 4.16 5.47 -13.88
CA GLY A 95 2.79 5.05 -14.14
C GLY A 95 2.75 3.63 -14.65
N ASP A 96 3.64 3.30 -15.57
CA ASP A 96 3.73 1.92 -16.05
C ASP A 96 4.00 0.97 -14.91
N ALA A 97 4.99 1.29 -14.07
CA ALA A 97 5.39 0.39 -12.98
C ALA A 97 4.25 0.25 -11.92
N LEU A 98 3.62 1.36 -11.59
CA LEU A 98 2.55 1.38 -10.59
C LEU A 98 1.36 0.54 -11.07
N THR A 99 1.10 0.56 -12.38
CA THR A 99 -0.05 -0.18 -12.95
C THR A 99 0.21 -1.67 -12.89
N ASP A 100 1.40 -2.11 -13.33
CA ASP A 100 1.73 -3.53 -13.17
C ASP A 100 1.72 -3.98 -11.68
N ALA A 101 2.26 -3.15 -10.78
CA ALA A 101 2.26 -3.48 -9.35
C ALA A 101 0.80 -3.70 -8.86
N LEU A 102 -0.08 -2.75 -9.19
CA LEU A 102 -1.53 -2.88 -8.92
C LEU A 102 -2.07 -4.20 -9.45
N TYR A 103 -1.66 -4.56 -10.68
CA TYR A 103 -2.15 -5.79 -11.33
C TYR A 103 -1.73 -7.04 -10.53
N PHE A 104 -0.50 -7.04 -10.08
CA PHE A 104 0.04 -8.17 -9.29
C PHE A 104 -0.62 -8.28 -7.90
N ILE A 105 -0.87 -7.14 -7.27
N ILE A 105 -0.92 -7.15 -7.28
CA ILE A 105 -1.58 -7.10 -6.01
CA ILE A 105 -1.58 -7.13 -5.97
C ILE A 105 -2.95 -7.75 -6.22
C ILE A 105 -3.00 -7.63 -6.13
N MSE A 106 -3.64 -7.31 -7.26
CA MSE A 106 -4.94 -7.83 -7.55
C MSE A 106 -4.91 -9.33 -7.77
O MSE A 106 -5.80 -10.01 -7.27
CB MSE A 106 -5.64 -7.10 -8.72
CG MSE A 106 -6.05 -5.66 -8.39
SE MSE A 106 -7.58 -5.73 -7.14
CE MSE A 106 -8.00 -3.87 -6.77
N GLY A 107 -3.87 -9.83 -8.43
CA GLY A 107 -3.70 -11.27 -8.66
C GLY A 107 -3.47 -12.07 -7.39
N SER A 108 -2.80 -11.47 -6.43
CA SER A 108 -2.69 -12.05 -5.11
C SER A 108 -4.06 -12.15 -4.40
N PHE A 109 -4.91 -11.11 -4.49
CA PHE A 109 -6.28 -11.27 -4.03
C PHE A 109 -6.94 -12.44 -4.74
N VAL A 110 -6.79 -12.53 -6.06
CA VAL A 110 -7.42 -13.66 -6.82
C VAL A 110 -6.91 -15.01 -6.29
N GLU A 111 -5.60 -15.09 -6.04
CA GLU A 111 -5.04 -16.38 -5.61
C GLU A 111 -5.49 -16.74 -4.19
N ALA A 112 -5.76 -15.72 -3.37
CA ALA A 112 -6.27 -15.90 -2.02
C ALA A 112 -7.78 -16.15 -2.02
N GLY A 113 -8.45 -15.84 -3.15
CA GLY A 113 -9.91 -15.91 -3.22
C GLY A 113 -10.62 -14.89 -2.33
N LEU A 114 -9.98 -13.75 -2.13
CA LEU A 114 -10.56 -12.65 -1.35
C LEU A 114 -10.92 -11.48 -2.26
N GLU A 115 -12.14 -10.97 -2.07
CA GLU A 115 -12.59 -9.78 -2.79
C GLU A 115 -12.05 -8.62 -1.99
N PRO A 116 -11.26 -7.73 -2.65
CA PRO A 116 -10.59 -6.64 -1.94
C PRO A 116 -11.46 -5.45 -1.55
N GLY A 117 -12.53 -5.20 -2.30
CA GLY A 117 -13.36 -4.01 -2.08
C GLY A 117 -13.81 -3.76 -0.63
N PRO A 118 -14.41 -4.76 -0.01
CA PRO A 118 -14.90 -4.61 1.37
C PRO A 118 -13.79 -4.44 2.39
N LEU A 119 -12.64 -5.08 2.13
CA LEU A 119 -11.50 -4.91 3.00
C LEU A 119 -10.92 -3.50 2.87
N PHE A 120 -10.75 -3.04 1.62
CA PHE A 120 -10.28 -1.68 1.38
C PHE A 120 -11.24 -0.66 2.06
N GLU A 121 -12.55 -0.88 1.94
CA GLU A 121 -13.56 0.00 2.57
C GLU A 121 -13.36 0.14 4.09
N ILE A 122 -13.03 -0.97 4.76
CA ILE A 122 -12.77 -0.96 6.20
C ILE A 122 -11.52 -0.11 6.52
N VAL A 123 -10.47 -0.28 5.73
CA VAL A 123 -9.20 0.47 5.93
C VAL A 123 -9.47 1.95 5.69
N GLN A 124 -10.14 2.25 4.59
CA GLN A 124 -10.51 3.63 4.29
C GLN A 124 -11.28 4.34 5.40
N GLN A 125 -12.28 3.66 5.92
CA GLN A 125 -13.16 4.27 6.91
C GLN A 125 -12.42 4.54 8.24
N ALA A 126 -11.60 3.58 8.64
CA ALA A 126 -10.77 3.69 9.84
C ALA A 126 -9.72 4.82 9.69
N ASN A 127 -9.14 4.92 8.50
CA ASN A 127 -8.19 5.97 8.24
C ASN A 127 -8.91 7.32 8.40
N MSE A 128 -10.10 7.43 7.81
CA MSE A 128 -10.84 8.71 7.83
C MSE A 128 -11.32 9.05 9.26
O MSE A 128 -11.48 10.20 9.60
CB MSE A 128 -12.03 8.70 6.85
CG MSE A 128 -11.64 8.67 5.34
SE MSE A 128 -10.48 10.16 4.80
CE MSE A 128 -11.47 11.77 5.25
N ALA A 129 -11.51 8.02 10.07
CA ALA A 129 -11.99 8.20 11.44
C ALA A 129 -10.84 8.66 12.39
N LYS A 130 -9.65 8.93 11.84
CA LYS A 130 -8.54 9.40 12.66
C LYS A 130 -8.66 10.87 12.99
N LEU A 131 -9.68 11.54 12.48
CA LEU A 131 -9.86 12.93 12.87
C LEU A 131 -10.23 12.98 14.34
N GLY A 132 -9.70 13.98 15.03
CA GLY A 132 -10.06 14.24 16.41
C GLY A 132 -11.47 14.83 16.53
N PRO A 133 -11.87 15.14 17.77
CA PRO A 133 -13.25 15.55 18.08
C PRO A 133 -13.53 17.01 17.72
N ASP A 134 -12.52 17.69 17.18
CA ASP A 134 -12.72 18.99 16.57
C ASP A 134 -12.80 18.87 15.04
N GLY A 135 -12.73 17.65 14.49
CA GLY A 135 -12.78 17.45 13.05
C GLY A 135 -11.46 17.71 12.35
N GLN A 136 -10.39 17.79 13.13
CA GLN A 136 -9.04 18.07 12.59
C GLN A 136 -8.08 16.90 12.85
N PRO A 137 -7.13 16.65 11.92
CA PRO A 137 -6.16 15.57 12.17
C PRO A 137 -5.26 15.89 13.36
N ILE A 138 -4.73 14.85 13.99
CA ILE A 138 -3.78 15.01 15.10
C ILE A 138 -2.39 14.64 14.59
N PHE A 139 -1.48 15.62 14.57
CA PHE A 139 -0.10 15.41 14.09
C PHE A 139 0.90 15.47 15.27
N ARG A 140 1.73 14.45 15.39
CA ARG A 140 2.75 14.39 16.46
C ARG A 140 3.93 15.31 16.10
N GLU A 141 4.44 16.07 17.08
CA GLU A 141 5.60 16.98 16.84
C GLU A 141 6.87 16.27 16.27
N SER A 142 7.13 15.04 16.71
CA SER A 142 8.13 14.16 16.08
C SER A 142 7.63 13.53 14.74
N ASP A 143 8.08 14.10 13.63
CA ASP A 143 7.90 13.45 12.31
C ASP A 143 6.52 13.69 11.68
N GLN A 144 5.71 14.56 12.29
CA GLN A 144 4.35 14.86 11.81
C GLN A 144 3.49 13.62 11.53
N LYS A 145 3.74 12.53 12.25
CA LYS A 145 2.97 11.30 12.05
C LYS A 145 1.51 11.59 12.44
N VAL A 146 0.59 11.10 11.62
CA VAL A 146 -0.84 11.20 11.95
C VAL A 146 -1.10 10.23 13.11
N MSE A 147 -1.69 10.75 14.18
CA MSE A 147 -1.94 9.96 15.40
C MSE A 147 -3.41 9.56 15.49
O MSE A 147 -4.27 10.22 14.92
CB MSE A 147 -1.56 10.81 16.61
CG MSE A 147 -0.10 11.26 16.61
SE MSE A 147 1.15 9.78 16.84
CE MSE A 147 1.01 8.67 15.27
N LYS A 148 -3.66 8.46 16.19
CA LYS A 148 -5.02 7.95 16.39
C LYS A 148 -5.70 8.72 17.53
N PRO A 149 -6.95 9.12 17.36
CA PRO A 149 -7.60 9.81 18.48
C PRO A 149 -8.14 8.83 19.52
N ASP A 150 -8.36 9.33 20.72
CA ASP A 150 -9.01 8.60 21.80
C ASP A 150 -10.35 8.07 21.31
N GLY A 151 -10.53 6.76 21.43
CA GLY A 151 -11.78 6.10 21.06
C GLY A 151 -11.82 5.54 19.65
N TRP A 152 -10.71 5.66 18.93
CA TRP A 152 -10.58 5.20 17.56
C TRP A 152 -10.74 3.69 17.51
N LEU A 153 -11.59 3.19 16.61
CA LEU A 153 -11.76 1.77 16.44
C LEU A 153 -10.81 1.26 15.34
N PRO A 154 -9.90 0.34 15.72
CA PRO A 154 -8.90 -0.14 14.77
C PRO A 154 -9.51 -1.09 13.72
N PRO A 155 -8.93 -1.09 12.51
CA PRO A 155 -9.51 -1.88 11.42
C PRO A 155 -9.27 -3.39 11.54
N GLU A 156 -8.23 -3.82 12.23
CA GLU A 156 -7.81 -5.25 12.16
C GLU A 156 -8.92 -6.27 12.50
N PRO A 157 -9.63 -6.06 13.62
CA PRO A 157 -10.67 -7.04 13.91
C PRO A 157 -11.82 -7.06 12.91
N GLN A 158 -12.14 -5.92 12.30
CA GLN A 158 -13.23 -5.84 11.31
C GLN A 158 -12.77 -6.51 9.99
N LEU A 159 -11.50 -6.29 9.66
CA LEU A 159 -10.91 -6.90 8.48
C LEU A 159 -10.99 -8.39 8.66
N GLU A 160 -10.67 -8.88 9.87
CA GLU A 160 -10.78 -10.32 10.13
C GLU A 160 -12.23 -10.83 10.03
N ALA A 161 -13.17 -10.08 10.61
CA ALA A 161 -14.58 -10.45 10.52
C ALA A 161 -15.05 -10.48 9.07
N GLU A 162 -14.51 -9.58 8.25
CA GLU A 162 -14.84 -9.51 6.81
C GLU A 162 -14.32 -10.75 6.05
N VAL A 163 -13.11 -11.19 6.41
CA VAL A 163 -12.56 -12.42 5.86
C VAL A 163 -13.49 -13.59 6.20
N VAL A 164 -13.88 -13.75 7.48
CA VAL A 164 -14.83 -14.81 7.92
C VAL A 164 -16.17 -14.71 7.17
N ARG A 165 -16.68 -13.48 7.00
CA ARG A 165 -17.92 -13.28 6.24
C ARG A 165 -17.80 -13.82 4.79
N GLN A 166 -16.71 -13.46 4.11
CA GLN A 166 -16.45 -14.00 2.76
C GLN A 166 -16.31 -15.52 2.73
N MSE A 167 -15.62 -16.08 3.72
CA MSE A 167 -15.52 -17.54 3.84
C MSE A 167 -16.91 -18.14 3.95
O MSE A 167 -17.21 -19.14 3.28
CB MSE A 167 -14.70 -17.96 5.07
CG MSE A 167 -13.20 -17.61 5.00
SE MSE A 167 -12.25 -17.96 6.67
CE MSE A 167 -12.45 -19.90 6.82
N LYS A 168 -17.76 -17.53 4.78
CA LYS A 168 -19.15 -18.01 4.93
C LYS A 168 -19.99 -17.88 3.66
N GLU A 169 -19.90 -16.73 3.00
CA GLU A 169 -20.59 -16.49 1.74
C GLU A 169 -20.21 -17.51 0.64
N LYS A 170 -18.94 -17.90 0.59
CA LYS A 170 -18.43 -18.78 -0.45
C LYS A 170 -18.48 -20.27 -0.10
N ALA A 171 -18.71 -20.57 1.17
CA ALA A 171 -19.01 -21.93 1.57
C ALA A 171 -20.22 -22.44 0.77
C1 EDO B . -0.18 7.70 2.80
O1 EDO B . 1.19 7.68 2.37
C2 EDO B . -0.97 6.63 2.02
O2 EDO B . -0.83 6.79 0.59
C1 EDO C . 5.97 15.31 -15.93
O1 EDO C . 6.08 15.57 -14.52
C2 EDO C . 4.97 16.28 -16.57
O2 EDO C . 5.17 17.61 -16.08
#